data_4F1U
#
_entry.id   4F1U
#
_cell.length_a   36.960
_cell.length_b   124.370
_cell.length_c   41.010
_cell.angle_alpha   90.00
_cell.angle_beta   116.55
_cell.angle_gamma   90.00
#
_symmetry.space_group_name_H-M   'P 1 21 1'
#
loop_
_entity.id
_entity.type
_entity.pdbx_description
1 polymer 'Putative alkaline phosphatase'
2 non-polymer 'HYDROGENPHOSPHATE ION'
3 non-polymer 1,2-ETHANEDIOL
4 non-polymer 'SULFATE ION'
5 water water
#
_entity_poly.entity_id   1
_entity_poly.type   'polypeptide(L)'
_entity_poly.pdbx_seq_one_letter_code
;MDINGGGATLPQALYQTSGVLTAGFAQYIGVGSGNGKAAFLNNDYTKFQAGVTNKNVHWAGSDSKLSATELSTYASAKQP
TWGKLIQVPSVGTSVAIPFNKSGSAAVDLSVQELCGVFSGRINTWDGISGSGRTGPIVVVYRSESSGTTELFTRFLNAKC
NAETGNFAVTTTFGTSFSGGLPAGAVAATGSQGVMTALAAGDGRITYMSPDFAAPTLAGLDDATKVARVGKNVATNTQGV
SPAAANVSAAIGAVPVPAAADRSNPDAWVPVFGPDNTAGVQPYPTSGYPILGFTNLIFSQCYADATQTTQVRDFFTKHYG
ASNNNDAAITANAFVPLPTAWKATVRASFLTASNALSIGNTNVCNGIGRPLLEAAHHHHHH
;
_entity_poly.pdbx_strand_id   A
#
loop_
_chem_comp.id
_chem_comp.type
_chem_comp.name
_chem_comp.formula
EDO non-polymer 1,2-ETHANEDIOL 'C2 H6 O2'
PI non-polymer 'HYDROGENPHOSPHATE ION' 'H O4 P -2'
SO4 non-polymer 'SULFATE ION' 'O4 S -2'
#
# COMPACT_ATOMS: atom_id res chain seq x y z
N MET A 1 -5.66 20.91 -19.65
N MET A 1 -5.09 22.17 -17.69
CA MET A 1 -4.62 20.66 -18.63
CA MET A 1 -3.91 21.47 -17.23
C MET A 1 -5.11 19.68 -17.58
C MET A 1 -4.40 20.31 -16.40
N ASP A 2 -4.28 18.83 -17.22
N ASP A 2 -3.80 19.16 -16.55
CA ASP A 2 -4.56 17.74 -16.33
CA ASP A 2 -4.29 17.89 -16.02
C ASP A 2 -4.00 17.98 -14.91
C ASP A 2 -3.95 17.87 -14.47
N ILE A 3 -4.51 17.18 -13.92
N ILE A 3 -4.73 17.05 -13.74
CA ILE A 3 -4.01 17.09 -12.58
CA ILE A 3 -4.51 16.60 -12.38
C ILE A 3 -3.12 15.85 -12.40
C ILE A 3 -3.44 15.51 -12.43
N ASN A 4 -2.15 15.98 -11.52
N ASN A 4 -2.40 15.78 -11.67
CA ASN A 4 -0.97 15.10 -11.51
CA ASN A 4 -1.23 14.91 -11.67
C ASN A 4 -0.86 14.27 -10.23
C ASN A 4 -1.07 14.23 -10.32
N GLY A 5 -0.83 12.95 -10.38
CA GLY A 5 -0.64 12.05 -9.28
C GLY A 5 0.43 11.01 -9.56
N GLY A 6 0.84 10.36 -8.46
CA GLY A 6 1.92 9.40 -8.56
C GLY A 6 2.28 8.98 -7.12
N GLY A 7 3.30 8.12 -7.04
CA GLY A 7 3.74 7.64 -5.73
C GLY A 7 3.94 6.15 -5.75
N ALA A 8 3.31 5.47 -4.79
CA ALA A 8 3.42 4.03 -4.60
C ALA A 8 3.43 3.29 -5.93
N THR A 9 4.40 2.36 -6.05
CA THR A 9 4.44 1.45 -7.18
C THR A 9 3.55 0.20 -6.97
N LEU A 10 3.28 -0.19 -5.71
CA LEU A 10 2.47 -1.38 -5.48
C LEU A 10 1.15 -1.36 -6.29
N PRO A 11 0.43 -0.24 -6.34
CA PRO A 11 -0.83 -0.15 -7.08
C PRO A 11 -0.71 0.53 -8.43
N GLN A 12 0.50 0.76 -8.92
CA GLN A 12 0.57 1.61 -10.13
CA GLN A 12 0.74 1.50 -10.17
C GLN A 12 -0.11 0.98 -11.33
N ALA A 13 -0.09 -0.34 -11.50
CA ALA A 13 -0.75 -0.93 -12.65
C ALA A 13 -2.28 -0.78 -12.55
N LEU A 14 -2.81 -0.73 -11.33
CA LEU A 14 -4.22 -0.43 -11.16
C LEU A 14 -4.51 0.99 -11.65
N TYR A 15 -3.77 1.98 -11.16
CA TYR A 15 -4.08 3.34 -11.52
C TYR A 15 -3.80 3.63 -12.99
N GLN A 16 -2.95 2.81 -13.63
N GLN A 16 -2.92 2.84 -13.62
CA GLN A 16 -2.66 2.92 -15.05
CA GLN A 16 -2.61 2.95 -15.03
C GLN A 16 -3.61 2.10 -15.93
C GLN A 16 -3.65 2.20 -15.89
N THR A 17 -4.55 1.42 -15.32
CA THR A 17 -5.55 0.70 -16.10
C THR A 17 -6.53 1.71 -16.70
N SER A 18 -6.82 1.60 -17.99
CA SER A 18 -7.68 2.54 -18.65
C SER A 18 -9.01 2.69 -17.91
N GLY A 19 -9.42 3.92 -17.70
CA GLY A 19 -10.69 4.20 -17.09
C GLY A 19 -10.70 4.26 -15.57
N VAL A 20 -9.67 3.83 -14.86
CA VAL A 20 -9.67 3.85 -13.41
C VAL A 20 -9.59 5.29 -12.91
N LEU A 21 -8.64 6.06 -13.41
CA LEU A 21 -8.60 7.49 -13.20
C LEU A 21 -9.53 8.13 -14.23
N THR A 22 -10.27 9.15 -13.80
CA THR A 22 -11.32 9.76 -14.57
C THR A 22 -10.80 10.99 -15.34
N ALA A 23 -11.70 11.78 -15.91
CA ALA A 23 -11.32 12.83 -16.83
C ALA A 23 -10.46 13.86 -16.11
N GLY A 24 -9.44 14.32 -16.87
CA GLY A 24 -8.56 15.34 -16.34
C GLY A 24 -7.35 14.80 -15.60
N PHE A 25 -7.31 13.52 -15.28
CA PHE A 25 -6.18 12.93 -14.57
C PHE A 25 -5.09 12.52 -15.58
N ALA A 26 -3.91 13.06 -15.39
CA ALA A 26 -2.71 12.59 -16.09
C ALA A 26 -2.44 11.15 -15.67
N GLN A 27 -1.73 10.40 -16.51
CA GLN A 27 -1.42 9.03 -16.13
CA GLN A 27 -1.30 9.07 -16.19
C GLN A 27 -0.55 9.04 -14.88
N TYR A 28 -0.84 8.06 -14.02
CA TYR A 28 -0.17 7.91 -12.73
C TYR A 28 1.32 7.60 -12.93
N ILE A 29 2.15 8.19 -12.09
CA ILE A 29 3.61 8.03 -12.15
C ILE A 29 4.11 7.28 -10.90
N GLY A 30 4.58 6.06 -11.10
CA GLY A 30 5.08 5.24 -9.99
C GLY A 30 6.51 5.57 -9.65
N VAL A 31 6.75 6.04 -8.42
CA VAL A 31 8.05 6.45 -7.93
C VAL A 31 8.33 5.97 -6.51
N GLY A 32 7.42 5.28 -5.85
CA GLY A 32 7.55 4.89 -4.47
C GLY A 32 6.73 5.78 -3.55
N SER A 33 6.29 5.20 -2.42
CA SER A 33 5.45 5.94 -1.50
C SER A 33 6.14 7.10 -0.84
N GLY A 34 7.42 6.96 -0.45
CA GLY A 34 8.10 8.08 0.15
C GLY A 34 8.16 9.26 -0.81
N ASN A 35 8.49 9.00 -2.07
CA ASN A 35 8.50 10.06 -3.08
C ASN A 35 7.09 10.63 -3.30
N GLY A 36 6.07 9.79 -3.28
CA GLY A 36 4.72 10.29 -3.45
C GLY A 36 4.28 11.21 -2.32
N LYS A 37 4.56 10.80 -1.08
CA LYS A 37 4.25 11.67 0.06
C LYS A 37 4.98 13.00 -0.05
N ALA A 38 6.28 12.94 -0.35
CA ALA A 38 7.05 14.20 -0.45
C ALA A 38 6.51 15.07 -1.58
N ALA A 39 6.16 14.46 -2.70
CA ALA A 39 5.62 15.18 -3.84
C ALA A 39 4.39 15.98 -3.43
N PHE A 40 3.47 15.30 -2.73
CA PHE A 40 2.23 15.99 -2.33
C PHE A 40 2.48 17.01 -1.25
N LEU A 41 3.19 16.64 -0.17
CA LEU A 41 3.30 17.48 0.99
C LEU A 41 4.04 18.77 0.70
N ASN A 42 5.00 18.72 -0.22
CA ASN A 42 5.83 19.86 -0.59
C ASN A 42 5.43 20.46 -1.94
N ASN A 43 4.42 19.90 -2.59
CA ASN A 43 4.02 20.30 -3.94
C ASN A 43 5.24 20.34 -4.88
N ASP A 44 5.92 19.21 -4.98
CA ASP A 44 7.22 19.09 -5.63
C ASP A 44 7.14 18.03 -6.74
N TYR A 45 6.87 18.50 -7.97
CA TYR A 45 6.69 17.61 -9.09
C TYR A 45 7.98 16.85 -9.47
N THR A 46 9.13 17.36 -9.06
CA THR A 46 10.37 16.65 -9.40
C THR A 46 10.45 15.30 -8.73
N LYS A 47 9.64 15.04 -7.68
N LYS A 47 9.64 15.06 -7.68
CA LYS A 47 9.55 13.75 -7.05
CA LYS A 47 9.59 13.73 -7.08
C LYS A 47 8.82 12.76 -7.93
C LYS A 47 8.85 12.74 -7.98
N PHE A 48 8.01 13.23 -8.89
CA PHE A 48 7.39 12.42 -9.92
C PHE A 48 8.28 12.31 -11.16
N GLN A 49 8.66 13.43 -11.76
N GLN A 49 8.94 13.45 -11.51
CA GLN A 49 9.50 13.39 -12.97
CA GLN A 49 9.90 13.70 -12.62
C GLN A 49 10.75 14.19 -12.65
C GLN A 49 10.97 14.72 -12.24
N ALA A 50 11.88 13.53 -12.46
N ALA A 50 12.21 14.25 -12.02
CA ALA A 50 13.13 14.22 -12.16
CA ALA A 50 13.29 15.16 -11.54
C ALA A 50 13.37 15.28 -13.30
C ALA A 50 13.61 16.43 -12.29
N GLY A 51 13.83 16.45 -12.90
N GLY A 51 13.41 16.39 -13.57
CA GLY A 51 14.14 17.51 -13.80
CA GLY A 51 13.85 17.54 -14.34
C GLY A 51 12.99 18.31 -14.30
C GLY A 51 12.71 18.44 -14.72
N VAL A 52 11.74 17.98 -13.90
N VAL A 52 11.60 18.37 -13.99
CA VAL A 52 10.55 18.66 -14.43
CA VAL A 52 10.43 19.18 -14.30
C VAL A 52 9.89 19.43 -13.30
C VAL A 52 9.97 19.86 -13.03
N THR A 53 9.78 20.74 -13.44
N THR A 53 9.92 21.20 -13.13
CA THR A 53 9.33 21.63 -12.38
CA THR A 53 9.52 21.99 -11.97
C THR A 53 8.08 22.44 -12.79
C THR A 53 8.27 22.81 -12.23
N ASN A 54 7.54 22.30 -13.98
N ASN A 54 7.73 22.91 -13.44
CA ASN A 54 6.48 23.20 -14.46
CA ASN A 54 6.66 23.86 -13.80
C ASN A 54 5.08 22.71 -14.28
C ASN A 54 5.25 23.27 -13.65
N LYS A 55 4.85 21.82 -13.32
N LYS A 55 5.08 22.23 -12.86
CA LYS A 55 3.53 21.29 -12.98
CA LYS A 55 3.79 21.63 -12.59
C LYS A 55 3.42 21.24 -11.47
C LYS A 55 3.58 21.47 -11.11
N ASN A 56 2.24 21.31 -10.89
CA ASN A 56 1.91 21.02 -9.52
C ASN A 56 1.56 19.55 -9.34
N VAL A 57 1.63 19.13 -8.06
CA VAL A 57 1.21 17.80 -7.63
C VAL A 57 -0.16 17.94 -7.01
N HIS A 58 -1.11 17.10 -7.44
CA HIS A 58 -2.47 17.18 -6.96
C HIS A 58 -2.88 16.06 -6.01
N TRP A 59 -2.22 14.89 -6.10
CA TRP A 59 -2.59 13.74 -5.28
C TRP A 59 -1.41 12.77 -5.31
N ALA A 60 -1.46 11.82 -4.38
CA ALA A 60 -0.46 10.76 -4.35
C ALA A 60 -1.11 9.43 -3.96
N GLY A 61 -0.51 8.35 -4.46
CA GLY A 61 -0.73 7.02 -3.93
C GLY A 61 0.36 6.69 -2.94
N SER A 62 -0.02 6.07 -1.81
CA SER A 62 0.97 5.68 -0.82
C SER A 62 0.46 4.46 -0.06
N ASP A 63 1.35 3.47 0.15
CA ASP A 63 1.07 2.40 1.08
C ASP A 63 1.84 2.61 2.40
N SER A 64 2.46 3.77 2.57
CA SER A 64 3.02 4.24 3.81
C SER A 64 2.12 5.33 4.40
N LYS A 65 1.69 5.17 5.65
N LYS A 65 1.74 5.16 5.66
CA LYS A 65 0.86 6.21 6.24
CA LYS A 65 0.93 6.13 6.40
C LYS A 65 1.65 7.48 6.44
C LYS A 65 1.62 7.46 6.58
N LEU A 66 0.94 8.58 6.45
CA LEU A 66 1.54 9.87 6.82
C LEU A 66 1.94 9.82 8.29
N SER A 67 3.17 10.26 8.59
CA SER A 67 3.65 10.25 9.94
C SER A 67 3.11 11.46 10.71
N ALA A 68 3.29 11.44 12.04
CA ALA A 68 2.86 12.58 12.86
C ALA A 68 3.55 13.83 12.37
N THR A 69 4.83 13.77 12.05
CA THR A 69 5.58 14.95 11.64
C THR A 69 5.09 15.43 10.26
N GLU A 70 4.86 14.50 9.33
N GLU A 70 4.83 14.50 9.31
CA GLU A 70 4.34 14.88 8.00
CA GLU A 70 4.33 14.90 7.99
C GLU A 70 3.01 15.63 8.19
C GLU A 70 2.96 15.57 8.10
N LEU A 71 2.12 15.07 8.98
CA LEU A 71 0.79 15.66 9.19
C LEU A 71 0.90 17.03 9.85
N SER A 72 1.71 17.14 10.90
N SER A 72 1.71 17.09 10.91
CA SER A 72 1.76 18.44 11.60
CA SER A 72 1.85 18.30 11.72
C SER A 72 2.43 19.51 10.76
C SER A 72 2.46 19.40 10.87
N THR A 73 3.45 19.13 10.03
CA THR A 73 4.10 20.11 9.16
C THR A 73 3.14 20.61 8.10
N TYR A 74 2.38 19.72 7.48
CA TYR A 74 1.42 20.16 6.46
C TYR A 74 0.34 21.04 7.11
N ALA A 75 -0.14 20.65 8.28
CA ALA A 75 -1.17 21.41 8.96
C ALA A 75 -0.70 22.83 9.26
N SER A 76 0.55 22.98 9.68
CA SER A 76 0.98 24.33 10.00
CA SER A 76 1.07 24.29 10.00
C SER A 76 1.38 25.12 8.75
N ALA A 77 2.06 24.51 7.79
CA ALA A 77 2.61 25.24 6.67
C ALA A 77 1.63 25.44 5.54
N LYS A 78 0.79 24.44 5.25
CA LYS A 78 -0.01 24.40 4.03
C LYS A 78 -1.50 24.52 4.29
N GLN A 79 -2.04 23.84 5.31
CA GLN A 79 -3.49 23.82 5.51
C GLN A 79 -4.13 25.18 5.57
N PRO A 80 -3.53 26.22 6.18
CA PRO A 80 -4.24 27.52 6.22
C PRO A 80 -4.61 28.06 4.85
N THR A 81 -3.77 27.82 3.84
CA THR A 81 -4.00 28.34 2.51
C THR A 81 -4.51 27.31 1.50
N TRP A 82 -4.24 26.01 1.74
CA TRP A 82 -4.57 24.95 0.81
C TRP A 82 -5.72 24.05 1.28
N GLY A 83 -6.09 24.18 2.56
CA GLY A 83 -7.10 23.27 3.13
C GLY A 83 -6.51 22.01 3.71
N LYS A 84 -7.35 21.27 4.40
CA LYS A 84 -6.98 20.00 4.95
C LYS A 84 -6.61 19.00 3.88
N LEU A 85 -5.54 18.19 4.15
N LEU A 85 -5.60 18.19 4.24
CA LEU A 85 -5.36 17.03 3.30
CA LEU A 85 -5.19 16.95 3.62
C LEU A 85 -6.35 15.93 3.76
C LEU A 85 -6.27 15.87 3.81
N ILE A 86 -6.52 15.01 2.82
CA ILE A 86 -7.36 13.81 2.92
C ILE A 86 -6.45 12.61 2.68
N GLN A 87 -6.53 11.63 3.58
CA GLN A 87 -5.82 10.36 3.43
C GLN A 87 -6.89 9.28 3.59
N VAL A 88 -7.05 8.43 2.57
CA VAL A 88 -8.12 7.43 2.60
CA VAL A 88 -8.11 7.43 2.59
C VAL A 88 -7.60 6.14 1.98
N PRO A 89 -8.05 4.98 2.51
CA PRO A 89 -7.76 3.72 1.84
CA PRO A 89 -7.65 3.75 1.82
C PRO A 89 -8.30 3.70 0.45
N SER A 90 -7.55 3.06 -0.46
CA SER A 90 -7.96 2.83 -1.84
C SER A 90 -8.49 1.41 -2.01
N VAL A 91 -7.62 0.42 -1.70
CA VAL A 91 -7.91 -0.99 -1.83
C VAL A 91 -7.14 -1.74 -0.73
N GLY A 92 -7.61 -2.97 -0.48
CA GLY A 92 -6.84 -3.89 0.33
C GLY A 92 -5.88 -4.72 -0.53
N THR A 93 -4.80 -5.18 0.09
CA THR A 93 -3.79 -5.94 -0.62
C THR A 93 -3.14 -6.96 0.29
N SER A 94 -2.76 -8.10 -0.29
CA SER A 94 -1.80 -8.97 0.32
C SER A 94 -0.38 -8.43 0.06
N VAL A 95 0.61 -9.03 0.77
CA VAL A 95 2.02 -8.88 0.43
C VAL A 95 2.52 -10.27 0.07
N ALA A 96 2.92 -10.47 -1.18
CA ALA A 96 3.39 -11.75 -1.70
C ALA A 96 4.89 -11.92 -1.46
N ILE A 97 5.31 -13.18 -1.51
CA ILE A 97 6.72 -13.57 -1.30
C ILE A 97 7.17 -14.38 -2.53
N PRO A 98 7.43 -13.66 -3.65
CA PRO A 98 7.97 -14.36 -4.83
C PRO A 98 9.44 -14.69 -4.64
N PHE A 99 9.88 -15.72 -5.37
CA PHE A 99 11.25 -16.16 -5.30
C PHE A 99 11.65 -16.80 -6.63
N ASN A 100 12.95 -16.86 -6.83
N ASN A 100 12.97 -16.81 -6.86
CA ASN A 100 13.51 -17.46 -8.06
CA ASN A 100 13.75 -17.37 -7.97
C ASN A 100 14.41 -18.61 -7.66
C ASN A 100 14.50 -18.63 -7.54
N LYS A 101 13.82 -19.80 -7.58
CA LYS A 101 14.54 -21.04 -7.18
C LYS A 101 13.67 -22.18 -7.71
N SER A 102 14.15 -22.87 -8.75
CA SER A 102 13.31 -23.84 -9.39
CA SER A 102 13.47 -23.92 -9.44
C SER A 102 13.09 -25.09 -8.52
N GLY A 103 12.04 -25.83 -8.90
CA GLY A 103 11.76 -27.09 -8.29
C GLY A 103 10.25 -27.34 -8.23
N SER A 104 9.81 -28.57 -8.41
CA SER A 104 8.39 -28.84 -8.39
C SER A 104 7.77 -28.82 -7.00
N ALA A 105 8.54 -29.10 -5.97
CA ALA A 105 8.04 -29.09 -4.60
C ALA A 105 7.50 -27.68 -4.26
N ALA A 106 6.41 -27.64 -3.52
CA ALA A 106 5.87 -26.34 -3.10
C ALA A 106 6.73 -25.74 -2.02
N VAL A 107 7.01 -24.45 -2.15
CA VAL A 107 7.64 -23.68 -1.08
C VAL A 107 6.53 -23.09 -0.24
N ASP A 108 6.49 -23.49 1.05
CA ASP A 108 5.46 -23.10 1.96
C ASP A 108 6.14 -22.72 3.26
N LEU A 109 6.20 -21.44 3.54
CA LEU A 109 6.89 -20.93 4.70
C LEU A 109 6.01 -20.92 5.92
N SER A 110 6.52 -21.46 7.04
CA SER A 110 5.89 -21.10 8.31
C SER A 110 6.19 -19.61 8.56
N VAL A 111 5.40 -18.99 9.43
CA VAL A 111 5.71 -17.60 9.79
C VAL A 111 7.09 -17.50 10.38
N GLN A 112 7.49 -18.44 11.24
CA GLN A 112 8.82 -18.35 11.80
C GLN A 112 9.92 -18.54 10.74
N GLU A 113 9.69 -19.38 9.72
CA GLU A 113 10.67 -19.45 8.62
C GLU A 113 10.74 -18.16 7.87
N LEU A 114 9.62 -17.51 7.61
CA LEU A 114 9.63 -16.22 6.93
C LEU A 114 10.48 -15.24 7.74
N CYS A 115 10.24 -15.17 9.06
CA CYS A 115 11.03 -14.34 9.93
C CYS A 115 12.51 -14.62 9.81
N GLY A 116 12.87 -15.91 9.81
CA GLY A 116 14.28 -16.27 9.75
C GLY A 116 14.90 -15.97 8.40
N VAL A 117 14.17 -16.10 7.31
CA VAL A 117 14.73 -15.72 6.03
C VAL A 117 15.04 -14.23 5.99
N PHE A 118 14.09 -13.40 6.45
CA PHE A 118 14.28 -11.96 6.35
C PHE A 118 15.16 -11.38 7.44
N SER A 119 15.47 -12.14 8.50
CA SER A 119 16.46 -11.73 9.47
C SER A 119 17.86 -12.25 9.14
N GLY A 120 17.98 -13.17 8.20
CA GLY A 120 19.22 -13.81 7.86
C GLY A 120 19.53 -15.06 8.68
N ARG A 121 18.73 -15.39 9.65
CA ARG A 121 18.94 -16.61 10.44
C ARG A 121 18.90 -17.86 9.56
N ILE A 122 17.95 -17.89 8.63
CA ILE A 122 17.80 -18.98 7.66
C ILE A 122 18.34 -18.43 6.35
N ASN A 123 19.47 -18.95 5.88
CA ASN A 123 20.15 -18.40 4.72
C ASN A 123 20.48 -19.44 3.67
N THR A 124 19.86 -20.62 3.76
CA THR A 124 19.97 -21.68 2.75
C THR A 124 18.58 -22.24 2.51
N TRP A 125 18.39 -22.68 1.26
N TRP A 125 18.29 -22.70 1.28
CA TRP A 125 17.11 -23.18 0.84
CA TRP A 125 16.99 -23.27 0.98
C TRP A 125 16.74 -24.50 1.53
C TRP A 125 16.72 -24.56 1.73
N ASP A 126 17.76 -25.25 1.96
N ASP A 126 17.80 -25.28 2.10
CA ASP A 126 17.51 -26.46 2.71
CA ASP A 126 17.68 -26.45 2.94
C ASP A 126 17.18 -26.17 4.17
C ASP A 126 16.94 -26.16 4.21
N GLY A 127 17.19 -24.90 4.65
CA GLY A 127 16.73 -24.47 5.91
C GLY A 127 15.24 -24.15 5.95
N ILE A 128 14.57 -24.20 4.81
N ILE A 128 14.56 -24.24 4.81
CA ILE A 128 13.12 -24.15 4.81
CA ILE A 128 13.12 -24.14 4.68
C ILE A 128 12.68 -25.58 4.69
C ILE A 128 12.58 -25.57 4.55
N SER A 129 11.71 -25.99 5.51
N SER A 129 11.84 -26.01 5.54
CA SER A 129 11.38 -27.41 5.52
CA SER A 129 11.32 -27.38 5.55
C SER A 129 10.49 -27.74 4.32
C SER A 129 10.57 -27.70 4.25
N GLY A 130 10.74 -28.94 3.81
CA GLY A 130 9.99 -29.41 2.67
C GLY A 130 10.26 -28.71 1.36
N SER A 131 11.37 -27.95 1.24
CA SER A 131 11.51 -27.11 0.06
C SER A 131 11.97 -27.83 -1.19
N GLY A 132 12.59 -29.00 -1.02
CA GLY A 132 13.23 -29.70 -2.12
C GLY A 132 14.46 -29.03 -2.70
N ARG A 133 14.90 -27.95 -2.10
CA ARG A 133 15.89 -27.05 -2.66
C ARG A 133 17.09 -26.93 -1.77
N THR A 134 18.24 -26.60 -2.39
N THR A 134 18.25 -26.62 -2.36
CA THR A 134 19.47 -26.43 -1.64
CA THR A 134 19.50 -26.41 -1.65
C THR A 134 20.14 -25.17 -2.11
C THR A 134 20.23 -25.23 -2.20
N GLY A 135 21.18 -24.73 -1.44
CA GLY A 135 21.98 -23.60 -1.85
C GLY A 135 21.59 -22.32 -1.13
N PRO A 136 22.31 -21.25 -1.42
CA PRO A 136 22.13 -20.02 -0.65
C PRO A 136 20.83 -19.29 -1.00
N ILE A 137 20.28 -18.62 0.00
CA ILE A 137 19.19 -17.65 -0.18
C ILE A 137 19.81 -16.25 -0.24
N VAL A 138 19.42 -15.47 -1.22
CA VAL A 138 19.75 -14.06 -1.32
C VAL A 138 18.45 -13.26 -1.23
N VAL A 139 18.41 -12.38 -0.24
CA VAL A 139 17.22 -11.52 -0.03
C VAL A 139 17.37 -10.26 -0.88
N VAL A 140 16.32 -9.95 -1.65
CA VAL A 140 16.21 -8.72 -2.39
C VAL A 140 15.25 -7.80 -1.66
N TYR A 141 15.59 -6.54 -1.51
CA TYR A 141 14.74 -5.59 -0.75
C TYR A 141 14.73 -4.26 -1.46
N ARG A 142 13.80 -3.39 -1.05
CA ARG A 142 13.65 -2.09 -1.64
C ARG A 142 14.65 -1.11 -1.06
N SER A 143 15.38 -0.47 -1.99
N SER A 143 15.44 -0.48 -1.93
CA SER A 143 16.39 0.50 -1.64
CA SER A 143 16.40 0.51 -1.44
C SER A 143 15.87 1.79 -1.05
C SER A 143 15.78 1.76 -0.84
N GLU A 144 14.66 2.15 -1.41
CA GLU A 144 14.09 3.47 -1.16
C GLU A 144 12.95 3.37 -0.15
N SER A 145 12.35 4.52 0.13
CA SER A 145 11.24 4.60 1.07
C SER A 145 9.97 4.05 0.41
N SER A 146 9.56 2.88 0.89
CA SER A 146 8.56 2.04 0.25
C SER A 146 7.42 1.72 1.20
N GLY A 147 6.20 1.88 0.66
CA GLY A 147 5.01 1.44 1.37
C GLY A 147 4.86 -0.07 1.42
N THR A 148 5.35 -0.77 0.39
CA THR A 148 5.39 -2.23 0.48
C THR A 148 6.25 -2.66 1.68
N THR A 149 7.40 -2.00 1.82
CA THR A 149 8.23 -2.25 2.99
C THR A 149 7.46 -1.98 4.28
N GLU A 150 6.72 -0.88 4.34
CA GLU A 150 5.96 -0.58 5.57
C GLU A 150 4.92 -1.71 5.84
N LEU A 151 4.17 -2.09 4.83
CA LEU A 151 3.18 -3.15 5.05
C LEU A 151 3.83 -4.44 5.51
N PHE A 152 4.96 -4.77 4.93
CA PHE A 152 5.65 -6.03 5.25
C PHE A 152 6.28 -6.00 6.63
N THR A 153 6.95 -4.89 6.96
CA THR A 153 7.60 -4.77 8.25
C THR A 153 6.59 -4.65 9.39
N ARG A 154 5.35 -4.18 9.12
CA ARG A 154 4.32 -4.28 10.15
CA ARG A 154 4.35 -4.28 10.16
C ARG A 154 4.10 -5.73 10.53
N PHE A 155 4.10 -6.63 9.55
CA PHE A 155 3.87 -8.05 9.83
C PHE A 155 5.06 -8.63 10.59
N LEU A 156 6.28 -8.36 10.12
CA LEU A 156 7.45 -8.89 10.80
C LEU A 156 7.53 -8.36 12.23
N ASN A 157 7.23 -7.08 12.43
CA ASN A 157 7.22 -6.51 13.76
C ASN A 157 6.24 -7.21 14.68
N ALA A 158 5.09 -7.60 14.14
CA ALA A 158 4.04 -8.24 14.93
C ALA A 158 4.34 -9.70 15.24
N LYS A 159 5.07 -10.40 14.38
CA LYS A 159 5.17 -11.85 14.43
C LYS A 159 6.55 -12.39 14.75
N CYS A 160 7.61 -11.65 14.48
CA CYS A 160 8.96 -12.20 14.54
C CYS A 160 9.60 -11.90 15.89
N ASN A 161 9.20 -12.69 16.89
CA ASN A 161 9.57 -12.49 18.27
C ASN A 161 10.71 -13.34 18.75
N ALA A 162 11.32 -14.13 17.86
N ALA A 162 11.35 -14.11 17.88
CA ALA A 162 12.29 -15.16 18.19
CA ALA A 162 12.35 -15.05 18.35
C ALA A 162 13.59 -15.00 17.40
C ALA A 162 13.68 -14.94 17.60
N GLU A 163 13.94 -13.78 17.00
CA GLU A 163 15.18 -13.49 16.32
C GLU A 163 16.22 -12.92 17.28
N THR A 164 17.46 -12.77 16.79
N THR A 164 17.47 -12.76 16.85
CA THR A 164 18.53 -12.06 17.49
CA THR A 164 18.44 -12.13 17.74
C THR A 164 18.44 -10.57 17.10
C THR A 164 18.51 -10.63 17.40
N GLY A 165 17.42 -9.95 17.58
CA GLY A 165 17.03 -8.62 17.25
C GLY A 165 15.57 -8.57 16.93
N ASN A 166 15.07 -7.42 16.63
N ASN A 166 15.04 -7.42 16.56
CA ASN A 166 13.74 -7.05 16.32
CA ASN A 166 13.68 -7.33 16.20
C ASN A 166 13.56 -6.27 15.01
C ASN A 166 13.55 -6.39 14.99
N PHE A 167 12.45 -6.52 14.31
CA PHE A 167 12.08 -5.72 13.16
C PHE A 167 11.25 -4.51 13.58
N ALA A 168 11.74 -3.33 13.22
CA ALA A 168 10.98 -2.10 13.33
C ALA A 168 10.08 -1.92 12.14
N VAL A 169 8.92 -1.30 12.36
CA VAL A 169 8.07 -0.82 11.27
C VAL A 169 8.80 0.34 10.60
N THR A 170 8.99 0.27 9.30
CA THR A 170 9.74 1.30 8.59
C THR A 170 9.38 1.25 7.11
N THR A 171 9.76 2.31 6.41
CA THR A 171 9.70 2.31 4.95
C THR A 171 11.03 1.93 4.30
N THR A 172 12.09 1.78 5.07
CA THR A 172 13.43 1.46 4.56
C THR A 172 13.87 0.13 5.13
N PHE A 173 13.68 -0.94 4.35
CA PHE A 173 13.94 -2.27 4.87
C PHE A 173 15.39 -2.41 5.35
N GLY A 174 16.32 -1.73 4.68
N GLY A 174 16.31 -1.63 4.80
CA GLY A 174 17.72 -1.92 5.07
CA GLY A 174 17.70 -1.55 5.19
C GLY A 174 18.00 -1.66 6.48
C GLY A 174 17.97 -1.14 6.62
N THR A 175 17.18 -0.93 7.20
N THR A 175 16.99 -0.58 7.27
CA THR A 175 17.37 -0.69 8.61
CA THR A 175 17.11 -0.25 8.68
C THR A 175 16.30 -1.29 9.52
C THR A 175 16.05 -0.99 9.52
N SER A 176 15.35 -2.02 8.99
CA SER A 176 14.30 -2.59 9.81
C SER A 176 14.79 -3.46 10.92
N PHE A 177 15.61 -4.46 10.60
CA PHE A 177 16.03 -5.43 11.58
C PHE A 177 17.20 -4.90 12.38
N SER A 178 17.07 -4.94 13.73
CA SER A 178 18.10 -4.35 14.56
C SER A 178 19.43 -5.08 14.46
N GLY A 179 19.46 -6.30 14.00
CA GLY A 179 20.68 -7.07 13.74
C GLY A 179 21.25 -6.96 12.37
N GLY A 180 20.75 -6.04 11.56
CA GLY A 180 21.28 -5.84 10.23
C GLY A 180 20.62 -6.63 9.11
N LEU A 181 20.99 -6.28 7.90
CA LEU A 181 20.55 -7.06 6.74
C LEU A 181 21.24 -8.42 6.74
N PRO A 182 20.63 -9.39 6.09
CA PRO A 182 21.35 -10.64 5.84
C PRO A 182 22.55 -10.36 4.97
N ALA A 183 23.66 -11.08 5.20
CA ALA A 183 24.81 -10.99 4.30
C ALA A 183 24.35 -11.29 2.88
N GLY A 184 24.89 -10.51 1.93
CA GLY A 184 24.62 -10.72 0.57
C GLY A 184 23.30 -10.16 0.05
N ALA A 185 22.51 -9.51 0.90
CA ALA A 185 21.22 -8.95 0.44
C ALA A 185 21.46 -7.96 -0.68
N VAL A 186 20.52 -7.87 -1.60
CA VAL A 186 20.57 -7.04 -2.79
C VAL A 186 19.47 -6.00 -2.71
N ALA A 187 19.81 -4.73 -2.89
CA ALA A 187 18.85 -3.64 -2.95
C ALA A 187 18.44 -3.37 -4.40
N ALA A 188 17.17 -3.03 -4.60
CA ALA A 188 16.72 -2.60 -5.91
C ALA A 188 15.58 -1.58 -5.68
N THR A 189 15.25 -0.87 -6.77
CA THR A 189 14.38 0.29 -6.67
C THR A 189 13.09 0.03 -7.44
N GLY A 190 11.95 0.31 -6.78
CA GLY A 190 10.63 0.07 -7.33
C GLY A 190 10.22 -1.36 -7.26
N SER A 191 8.90 -1.60 -7.35
CA SER A 191 8.39 -2.99 -7.44
C SER A 191 9.04 -3.71 -8.64
N GLN A 192 8.99 -3.06 -9.80
CA GLN A 192 9.49 -3.70 -11.03
CA GLN A 192 9.49 -3.70 -11.01
C GLN A 192 11.01 -3.90 -10.94
N GLY A 193 11.74 -2.93 -10.39
CA GLY A 193 13.18 -3.10 -10.28
C GLY A 193 13.53 -4.26 -9.39
N VAL A 194 12.79 -4.47 -8.31
CA VAL A 194 13.01 -5.66 -7.47
C VAL A 194 12.70 -6.91 -8.25
N MET A 195 11.61 -6.99 -9.01
CA MET A 195 11.33 -8.20 -9.77
C MET A 195 12.43 -8.47 -10.81
N THR A 196 12.95 -7.44 -11.44
CA THR A 196 14.08 -7.61 -12.36
C THR A 196 15.28 -8.20 -11.63
N ALA A 197 15.58 -7.67 -10.46
CA ALA A 197 16.69 -8.20 -9.69
C ALA A 197 16.45 -9.63 -9.24
N LEU A 198 15.23 -9.96 -8.86
N LEU A 198 15.19 -9.98 -8.97
CA LEU A 198 14.95 -11.31 -8.40
CA LEU A 198 14.69 -11.29 -8.53
C LEU A 198 15.44 -12.33 -9.44
C LEU A 198 14.91 -12.40 -9.60
N ALA A 199 15.33 -11.99 -10.71
N ALA A 199 14.63 -12.04 -10.83
CA ALA A 199 15.69 -12.85 -11.81
CA ALA A 199 14.85 -12.96 -11.93
C ALA A 199 17.16 -12.77 -12.17
C ALA A 199 16.33 -13.04 -12.32
N ALA A 200 17.93 -11.84 -11.63
N ALA A 200 17.16 -12.11 -11.97
CA ALA A 200 19.30 -11.56 -12.01
CA ALA A 200 18.52 -11.97 -12.46
C ALA A 200 20.35 -12.42 -11.27
C ALA A 200 19.49 -12.80 -11.65
N GLY A 201 19.87 -13.30 -10.40
N GLY A 201 19.06 -13.50 -10.60
CA GLY A 201 20.75 -14.29 -9.75
CA GLY A 201 20.03 -14.32 -9.88
C GLY A 201 19.85 -15.37 -9.20
C GLY A 201 19.46 -15.49 -9.14
N ASP A 202 20.30 -16.58 -9.08
CA ASP A 202 19.56 -17.74 -8.57
C ASP A 202 19.37 -17.62 -7.08
N GLY A 203 18.29 -18.22 -6.58
CA GLY A 203 18.05 -18.36 -5.17
C GLY A 203 17.62 -17.10 -4.46
N ARG A 204 17.05 -16.14 -5.16
CA ARG A 204 16.61 -14.89 -4.59
C ARG A 204 15.16 -14.95 -4.12
N ILE A 205 14.87 -14.14 -3.11
CA ILE A 205 13.52 -14.06 -2.52
C ILE A 205 13.22 -12.62 -2.15
N THR A 206 11.96 -12.22 -2.17
CA THR A 206 11.60 -10.86 -1.78
C THR A 206 10.15 -10.82 -1.28
N TYR A 207 9.73 -9.58 -0.98
CA TYR A 207 8.37 -9.25 -0.63
C TYR A 207 7.84 -8.30 -1.71
N MET A 208 6.55 -8.38 -2.06
CA MET A 208 6.14 -7.73 -3.30
C MET A 208 4.62 -7.54 -3.39
N SER A 209 4.24 -6.45 -4.05
CA SER A 209 2.87 -6.26 -4.51
C SER A 209 2.35 -7.51 -5.20
N PRO A 210 1.15 -7.97 -4.90
CA PRO A 210 0.62 -9.17 -5.60
C PRO A 210 0.40 -8.91 -7.08
N ASP A 211 0.30 -7.65 -7.49
CA ASP A 211 0.10 -7.31 -8.90
C ASP A 211 1.39 -7.43 -9.72
N PHE A 212 2.53 -7.51 -9.04
CA PHE A 212 3.80 -7.67 -9.70
CA PHE A 212 3.85 -7.65 -9.64
C PHE A 212 4.49 -8.98 -9.36
N ALA A 213 4.06 -9.71 -8.33
CA ALA A 213 4.75 -10.91 -7.87
C ALA A 213 4.67 -12.07 -8.83
N ALA A 214 3.67 -12.07 -9.72
CA ALA A 214 3.55 -13.06 -10.75
C ALA A 214 3.03 -12.39 -11.99
N PRO A 215 3.44 -12.83 -13.20
N PRO A 215 3.27 -12.96 -13.17
CA PRO A 215 2.92 -12.25 -14.41
CA PRO A 215 2.92 -12.28 -14.39
C PRO A 215 1.41 -12.34 -14.62
C PRO A 215 1.45 -12.51 -14.80
N THR A 216 0.75 -13.36 -14.07
CA THR A 216 -0.66 -13.60 -14.18
C THR A 216 -1.20 -13.80 -12.78
N LEU A 217 -2.47 -13.54 -12.61
CA LEU A 217 -3.10 -13.80 -11.29
C LEU A 217 -2.91 -15.24 -10.84
N ALA A 218 -3.17 -16.24 -11.72
N ALA A 218 -2.91 -16.16 -11.80
CA ALA A 218 -3.12 -17.63 -11.28
CA ALA A 218 -2.62 -17.58 -11.56
C ALA A 218 -1.71 -17.99 -10.80
C ALA A 218 -1.23 -17.80 -11.02
N GLY A 219 -0.73 -17.26 -11.29
N GLY A 219 -0.23 -16.98 -11.35
CA GLY A 219 0.64 -17.42 -10.87
CA GLY A 219 1.15 -17.27 -10.94
C GLY A 219 0.85 -17.17 -9.40
C GLY A 219 1.34 -17.06 -9.45
N LEU A 220 -0.01 -16.40 -8.75
N LEU A 220 0.45 -16.30 -8.82
CA LEU A 220 0.10 -16.26 -7.29
CA LEU A 220 0.56 -16.14 -7.37
C LEU A 220 -0.13 -17.57 -6.56
C LEU A 220 0.33 -17.46 -6.65
N ASP A 221 -0.79 -18.54 -7.20
N ASP A 221 -0.37 -18.38 -7.28
CA ASP A 221 -1.02 -19.87 -6.66
CA ASP A 221 -0.78 -19.62 -6.63
C ASP A 221 0.07 -20.86 -7.04
C ASP A 221 0.19 -20.76 -6.88
N ASP A 222 1.13 -20.46 -7.78
CA ASP A 222 2.21 -21.39 -8.14
C ASP A 222 3.29 -21.35 -7.07
N ALA A 223 3.27 -22.33 -6.18
CA ALA A 223 4.18 -22.35 -5.04
C ALA A 223 5.61 -22.76 -5.40
N THR A 224 5.87 -22.95 -6.70
CA THR A 224 7.25 -23.04 -7.18
C THR A 224 7.88 -21.70 -7.48
N LYS A 225 7.06 -20.65 -7.40
N LYS A 225 7.11 -20.60 -7.33
CA LYS A 225 7.39 -19.28 -7.74
CA LYS A 225 7.61 -19.27 -7.61
C LYS A 225 6.99 -18.23 -6.70
C LYS A 225 7.06 -18.22 -6.61
N VAL A 226 5.91 -18.46 -5.98
CA VAL A 226 5.35 -17.51 -5.00
C VAL A 226 5.05 -18.34 -3.76
N ALA A 227 5.73 -18.06 -2.66
CA ALA A 227 5.64 -18.92 -1.52
C ALA A 227 4.25 -18.88 -0.90
N ARG A 228 3.76 -20.06 -0.48
CA ARG A 228 2.67 -20.09 0.48
C ARG A 228 3.20 -19.63 1.82
N VAL A 229 2.32 -19.07 2.67
CA VAL A 229 2.71 -18.63 4.00
C VAL A 229 1.64 -19.15 4.99
N GLY A 230 2.13 -19.69 6.12
CA GLY A 230 1.29 -20.16 7.19
C GLY A 230 1.39 -21.63 7.52
N LYS A 231 2.39 -22.32 6.96
CA LYS A 231 2.66 -23.71 7.28
CA LYS A 231 2.53 -23.72 7.29
C LYS A 231 2.76 -23.94 8.78
N ASN A 232 2.21 -25.04 9.26
CA ASN A 232 2.49 -25.52 10.61
C ASN A 232 2.62 -27.06 10.51
N VAL A 233 3.84 -27.52 10.46
CA VAL A 233 4.08 -28.96 10.27
C VAL A 233 3.51 -29.78 11.44
N ALA A 234 3.63 -29.28 12.65
CA ALA A 234 3.12 -30.02 13.87
C ALA A 234 1.67 -30.32 13.77
N THR A 235 0.92 -29.39 13.28
CA THR A 235 -0.51 -29.57 13.12
C THR A 235 -0.94 -29.99 11.73
N ASN A 236 0.06 -30.28 10.89
N ASN A 236 0.03 -30.31 10.90
CA ASN A 236 -0.19 -30.73 9.55
CA ASN A 236 -0.17 -30.75 9.52
C ASN A 236 -0.95 -29.69 8.69
C ASN A 236 -1.08 -29.79 8.71
N THR A 237 -0.60 -28.43 8.90
N THR A 237 -0.83 -28.50 8.82
CA THR A 237 -1.36 -27.34 8.28
CA THR A 237 -1.60 -27.47 8.14
C THR A 237 -0.61 -26.75 7.10
C THR A 237 -0.71 -26.74 7.14
N GLN A 238 -1.22 -26.68 5.93
CA GLN A 238 -0.60 -26.01 4.79
C GLN A 238 -0.83 -24.46 4.90
N GLY A 239 0.19 -23.74 4.47
CA GLY A 239 0.06 -22.34 4.21
C GLY A 239 -0.76 -22.11 2.95
C GLY A 239 -0.88 -22.05 3.03
N VAL A 240 -1.14 -20.88 2.69
N VAL A 240 -0.97 -20.76 2.74
CA VAL A 240 -1.89 -20.59 1.47
CA VAL A 240 -2.01 -20.18 1.86
C VAL A 240 -1.19 -19.43 0.73
C VAL A 240 -1.29 -19.29 0.82
N SER A 241 -1.74 -19.19 -0.44
CA SER A 241 -1.17 -18.23 -1.37
C SER A 241 -1.64 -16.81 -1.10
N PRO A 242 -0.93 -15.82 -1.67
CA PRO A 242 -1.30 -14.40 -1.51
C PRO A 242 -2.36 -13.93 -2.50
N ALA A 243 -3.09 -14.82 -3.15
CA ALA A 243 -4.19 -14.42 -3.99
C ALA A 243 -5.16 -13.54 -3.20
N ALA A 244 -5.77 -12.59 -3.89
CA ALA A 244 -6.72 -11.66 -3.23
C ALA A 244 -7.82 -12.38 -2.50
N ALA A 245 -8.32 -13.49 -3.05
CA ALA A 245 -9.40 -14.22 -2.40
C ALA A 245 -8.99 -14.70 -1.02
N ASN A 246 -7.71 -14.84 -0.73
N ASN A 246 -7.70 -14.84 -0.76
CA ASN A 246 -7.24 -15.32 0.55
CA ASN A 246 -7.22 -15.35 0.52
C ASN A 246 -6.99 -14.22 1.59
C ASN A 246 -7.10 -14.24 1.57
N VAL A 247 -7.16 -12.97 1.19
CA VAL A 247 -7.14 -11.87 2.14
C VAL A 247 -8.47 -11.10 2.16
N SER A 248 -9.39 -11.41 1.24
CA SER A 248 -10.56 -10.54 1.15
CA SER A 248 -10.63 -10.66 1.10
CA SER A 248 -10.62 -10.66 1.09
C SER A 248 -11.46 -10.62 2.36
N ALA A 249 -11.64 -11.77 3.01
CA ALA A 249 -12.49 -11.80 4.20
C ALA A 249 -11.92 -10.92 5.30
N ALA A 250 -10.61 -10.99 5.51
CA ALA A 250 -9.98 -10.19 6.55
C ALA A 250 -10.08 -8.72 6.24
N ILE A 251 -9.85 -8.30 5.00
CA ILE A 251 -10.03 -6.90 4.63
CA ILE A 251 -10.03 -6.88 4.70
C ILE A 251 -11.47 -6.44 4.95
N GLY A 252 -12.44 -7.27 4.54
CA GLY A 252 -13.81 -6.88 4.70
C GLY A 252 -14.27 -6.74 6.13
N ALA A 253 -13.55 -7.35 7.07
CA ALA A 253 -13.89 -7.29 8.49
C ALA A 253 -13.28 -6.09 9.19
N VAL A 254 -12.46 -5.27 8.51
CA VAL A 254 -11.83 -4.14 9.14
C VAL A 254 -12.85 -3.03 9.40
N PRO A 255 -12.95 -2.53 10.62
CA PRO A 255 -13.93 -1.47 10.96
CA PRO A 255 -14.02 -1.52 10.83
C PRO A 255 -13.67 -0.18 10.20
N VAL A 256 -14.80 0.50 9.85
N VAL A 256 -14.65 0.70 10.13
CA VAL A 256 -14.69 1.83 9.26
CA VAL A 256 -14.41 2.09 9.71
C VAL A 256 -14.08 2.79 10.27
C VAL A 256 -13.88 2.92 10.86
N PRO A 257 -13.56 3.92 9.78
N PRO A 257 -13.34 4.09 10.56
CA PRO A 257 -12.94 4.87 10.71
CA PRO A 257 -12.89 4.96 11.67
C PRO A 257 -13.91 5.40 11.74
C PRO A 257 -14.06 5.44 12.53
N ALA A 258 -13.44 5.53 12.98
N ALA A 258 -13.84 5.61 13.82
CA ALA A 258 -14.32 5.93 14.08
CA ALA A 258 -14.86 6.19 14.68
C ALA A 258 -14.87 7.33 13.83
C ALA A 258 -15.30 7.58 14.18
N ALA A 259 -16.18 7.45 13.94
N ALA A 259 -16.58 7.91 14.33
CA ALA A 259 -16.89 8.68 13.56
CA ALA A 259 -17.06 9.21 13.78
C ALA A 259 -16.31 9.91 14.19
C ALA A 259 -16.25 10.35 14.33
N ALA A 260 -16.01 9.90 15.48
N ALA A 260 -16.06 10.27 15.65
CA ALA A 260 -15.58 11.08 16.18
CA ALA A 260 -15.40 11.35 16.34
C ALA A 260 -14.13 11.50 15.85
C ALA A 260 -14.02 11.65 15.76
N ASP A 261 -13.39 10.65 15.16
CA ASP A 261 -12.02 10.85 14.79
C ASP A 261 -11.83 11.18 13.31
N ARG A 262 -12.92 11.33 12.54
CA ARG A 262 -12.78 11.44 11.11
C ARG A 262 -12.09 12.70 10.62
N SER A 263 -12.00 13.75 11.43
CA SER A 263 -11.21 14.89 10.97
CA SER A 263 -11.22 14.89 10.93
CA SER A 263 -11.22 14.93 11.14
C SER A 263 -9.72 14.66 11.03
N ASN A 264 -9.29 13.55 11.62
CA ASN A 264 -7.85 13.20 11.71
C ASN A 264 -7.54 12.26 10.57
N PRO A 265 -6.70 12.68 9.58
CA PRO A 265 -6.37 11.75 8.48
C PRO A 265 -5.79 10.46 8.93
N ASP A 266 -5.09 10.43 10.06
CA ASP A 266 -4.49 9.21 10.54
C ASP A 266 -5.55 8.13 10.84
N ALA A 267 -6.74 8.57 11.24
CA ALA A 267 -7.80 7.64 11.64
C ALA A 267 -8.40 6.88 10.49
N TRP A 268 -8.16 7.32 9.26
CA TRP A 268 -8.79 6.73 8.09
C TRP A 268 -8.07 5.51 7.56
N VAL A 269 -6.78 5.35 7.86
CA VAL A 269 -5.99 4.22 7.31
C VAL A 269 -5.87 3.16 8.38
N PRO A 270 -6.57 2.03 8.23
CA PRO A 270 -6.40 0.95 9.20
C PRO A 270 -5.01 0.34 9.01
N VAL A 271 -4.42 -0.06 10.14
CA VAL A 271 -3.19 -0.82 10.07
C VAL A 271 -3.38 -2.10 10.85
N PHE A 272 -2.72 -3.13 10.36
CA PHE A 272 -2.61 -4.37 11.08
C PHE A 272 -1.35 -4.29 11.97
N GLY A 273 -1.31 -5.10 13.00
CA GLY A 273 -0.23 -5.01 13.96
C GLY A 273 -0.35 -6.10 14.99
N PRO A 274 0.38 -5.96 16.09
CA PRO A 274 0.40 -7.00 17.11
C PRO A 274 -0.98 -7.30 17.68
N ASP A 275 -1.14 -8.53 18.16
N ASP A 275 -1.07 -8.58 18.11
CA ASP A 275 -2.32 -9.03 18.77
CA ASP A 275 -2.25 -8.94 18.80
C ASP A 275 -2.77 -8.19 19.99
C ASP A 275 -2.30 -8.16 20.14
N ASN A 276 -4.07 -8.15 20.28
N ASN A 276 -3.55 -8.10 20.56
CA ASN A 276 -4.55 -7.61 21.53
CA ASN A 276 -3.96 -7.57 21.86
C ASN A 276 -4.04 -6.23 21.89
C ASN A 276 -3.69 -6.03 21.95
N THR A 277 -3.92 -5.45 20.84
N THR A 277 -3.72 -5.22 20.86
CA THR A 277 -3.41 -4.09 20.91
CA THR A 277 -3.34 -3.79 20.83
C THR A 277 -4.46 -3.19 20.29
C THR A 277 -4.27 -2.80 20.10
N ALA A 278 -5.10 -2.40 21.15
N ALA A 278 -5.01 -1.99 20.87
CA ALA A 278 -6.17 -1.55 20.61
CA ALA A 278 -5.99 -1.06 20.25
C ALA A 278 -5.59 -0.57 19.62
C ALA A 278 -5.24 -0.09 19.31
N GLY A 279 -6.35 -0.28 18.58
N GLY A 279 -5.88 0.23 18.20
CA GLY A 279 -5.89 0.67 17.57
CA GLY A 279 -5.33 1.17 17.22
C GLY A 279 -5.28 0.03 16.33
C GLY A 279 -4.76 0.45 16.01
N VAL A 280 -4.97 -1.24 16.41
N VAL A 280 -4.68 -0.88 16.10
CA VAL A 280 -4.43 -1.98 15.27
CA VAL A 280 -4.29 -1.78 15.02
C VAL A 280 -5.25 -3.25 15.16
C VAL A 280 -5.26 -2.97 15.02
N GLN A 281 -5.48 -3.66 13.89
CA GLN A 281 -6.17 -4.90 13.65
CA GLN A 281 -6.18 -4.89 13.73
C GLN A 281 -5.17 -6.05 13.82
N PRO A 282 -5.49 -7.14 14.53
CA PRO A 282 -4.62 -8.28 14.54
C PRO A 282 -4.57 -8.90 13.16
N TYR A 283 -3.42 -9.48 12.82
CA TYR A 283 -3.37 -10.23 11.57
C TYR A 283 -4.33 -11.41 11.64
N PRO A 284 -4.93 -11.77 10.53
CA PRO A 284 -6.00 -12.82 10.53
C PRO A 284 -5.38 -14.16 10.79
N THR A 285 -6.19 -14.99 11.50
N THR A 285 -6.21 -15.04 11.40
CA THR A 285 -5.84 -16.31 11.85
CA THR A 285 -5.87 -16.42 11.60
C THR A 285 -6.02 -17.36 10.73
C THR A 285 -6.48 -17.36 10.60
N SER A 286 -6.89 -17.03 9.81
N SER A 286 -7.37 -16.90 9.75
CA SER A 286 -7.34 -17.78 8.66
CA SER A 286 -7.76 -17.63 8.56
C SER A 286 -6.88 -17.09 7.40
C SER A 286 -7.31 -16.88 7.31
N GLY A 287 -6.93 -17.80 6.27
N GLY A 287 -7.36 -17.53 6.14
CA GLY A 287 -6.52 -17.23 5.01
CA GLY A 287 -6.82 -16.90 4.94
C GLY A 287 -5.03 -16.88 5.04
C GLY A 287 -5.31 -16.76 5.01
N TYR A 288 -4.70 -15.96 4.15
CA TYR A 288 -3.31 -15.55 4.00
C TYR A 288 -3.01 -14.45 5.01
N PRO A 289 -1.89 -14.49 5.73
CA PRO A 289 -1.73 -13.61 6.89
C PRO A 289 -1.19 -12.22 6.62
N ILE A 290 -0.48 -11.99 5.51
CA ILE A 290 0.24 -10.74 5.29
C ILE A 290 -0.60 -9.82 4.41
N LEU A 291 -1.12 -8.71 4.96
CA LEU A 291 -2.05 -7.87 4.25
C LEU A 291 -2.00 -6.45 4.83
N GLY A 292 -2.66 -5.55 4.10
CA GLY A 292 -2.89 -4.20 4.58
C GLY A 292 -3.59 -3.38 3.52
N PHE A 293 -3.53 -2.06 3.67
CA PHE A 293 -4.18 -1.15 2.74
C PHE A 293 -3.13 -0.31 2.01
N THR A 294 -3.49 0.04 0.76
CA THR A 294 -2.80 1.09 0.03
C THR A 294 -3.81 2.26 -0.10
N ASN A 295 -3.27 3.49 -0.08
CA ASN A 295 -4.06 4.68 0.23
C ASN A 295 -3.88 5.75 -0.82
N LEU A 296 -4.75 6.76 -0.71
N LEU A 296 -4.81 6.71 -0.77
CA LEU A 296 -4.73 7.93 -1.57
CA LEU A 296 -4.83 7.95 -1.53
C LEU A 296 -4.66 9.17 -0.70
C LEU A 296 -4.57 9.14 -0.60
N ILE A 297 -3.89 10.15 -1.16
CA ILE A 297 -3.70 11.42 -0.49
C ILE A 297 -4.11 12.50 -1.47
N PHE A 298 -5.12 13.31 -1.07
CA PHE A 298 -5.66 14.39 -1.85
C PHE A 298 -5.74 15.65 -0.97
N SER A 299 -6.03 16.79 -1.60
CA SER A 299 -6.47 17.97 -0.85
C SER A 299 -8.00 18.00 -0.79
N GLN A 300 -8.54 18.54 0.33
CA GLN A 300 -9.95 18.86 0.35
C GLN A 300 -10.28 19.99 -0.63
N CYS A 301 -9.32 20.87 -0.87
CA CYS A 301 -9.59 22.12 -1.55
C CYS A 301 -8.56 22.35 -2.66
N TYR A 302 -9.04 22.84 -3.80
CA TYR A 302 -8.20 23.26 -4.93
C TYR A 302 -8.70 24.65 -5.31
N ALA A 303 -7.78 25.61 -5.48
CA ALA A 303 -8.23 26.94 -5.86
C ALA A 303 -9.07 26.89 -7.12
N ASP A 304 -8.68 26.04 -8.09
CA ASP A 304 -9.39 25.96 -9.34
C ASP A 304 -10.64 25.11 -9.24
N ALA A 305 -11.74 25.63 -9.79
CA ALA A 305 -13.01 24.94 -9.77
C ALA A 305 -12.99 23.69 -10.63
N THR A 306 -12.34 23.70 -11.77
CA THR A 306 -12.29 22.51 -12.63
C THR A 306 -11.51 21.41 -11.96
N GLN A 307 -10.38 21.72 -11.38
CA GLN A 307 -9.61 20.71 -10.64
C GLN A 307 -10.48 20.08 -9.55
N THR A 308 -11.19 20.93 -8.82
CA THR A 308 -12.04 20.44 -7.75
C THR A 308 -13.07 19.46 -8.26
N THR A 309 -13.76 19.83 -9.33
CA THR A 309 -14.75 18.93 -9.92
C THR A 309 -14.13 17.63 -10.38
N GLN A 310 -12.96 17.72 -11.02
CA GLN A 310 -12.25 16.54 -11.52
CA GLN A 310 -12.44 16.45 -11.53
C GLN A 310 -11.98 15.56 -10.37
N VAL A 311 -11.50 16.09 -9.25
CA VAL A 311 -11.20 15.26 -8.09
C VAL A 311 -12.48 14.63 -7.56
N ARG A 312 -13.55 15.44 -7.39
CA ARG A 312 -14.81 14.87 -6.94
C ARG A 312 -15.29 13.74 -7.85
N ASP A 313 -15.17 13.93 -9.16
CA ASP A 313 -15.65 12.91 -10.08
C ASP A 313 -14.86 11.62 -9.93
N PHE A 314 -13.56 11.70 -9.63
CA PHE A 314 -12.80 10.49 -9.35
C PHE A 314 -13.32 9.78 -8.10
N PHE A 315 -13.52 10.54 -7.01
CA PHE A 315 -14.06 9.90 -5.81
C PHE A 315 -15.42 9.29 -6.07
N THR A 316 -16.24 9.92 -6.87
CA THR A 316 -17.57 9.39 -7.21
C THR A 316 -17.46 8.03 -7.87
N LYS A 317 -16.45 7.83 -8.69
CA LYS A 317 -16.21 6.54 -9.34
C LYS A 317 -15.56 5.55 -8.38
N HIS A 318 -14.42 5.92 -7.79
CA HIS A 318 -13.63 4.97 -7.02
C HIS A 318 -14.32 4.49 -5.77
N TYR A 319 -15.22 5.31 -5.21
CA TYR A 319 -15.99 5.01 -4.02
C TYR A 319 -17.46 4.87 -4.34
N GLY A 320 -17.83 4.69 -5.60
CA GLY A 320 -19.23 4.60 -5.96
C GLY A 320 -19.81 3.24 -5.69
N ALA A 321 -21.14 3.25 -5.44
N ALA A 321 -21.12 3.19 -5.37
CA ALA A 321 -21.91 2.02 -5.38
CA ALA A 321 -21.78 1.94 -5.03
C ALA A 321 -22.06 1.42 -6.76
C ALA A 321 -21.97 1.04 -6.26
N SER A 322 -22.20 2.19 -7.82
N SER A 322 -22.09 1.70 -7.41
CA SER A 322 -22.34 1.77 -9.19
CA SER A 322 -22.12 1.13 -8.73
C SER A 322 -21.23 2.40 -10.03
C SER A 322 -21.22 1.93 -9.64
N ASN A 323 -20.97 1.78 -11.18
N ASN A 323 -20.99 1.46 -10.87
CA ASN A 323 -20.02 2.31 -12.15
CA ASN A 323 -20.24 2.24 -11.84
C ASN A 323 -18.70 2.66 -11.50
C ASN A 323 -18.91 2.68 -11.28
N ASN A 324 -18.18 1.69 -10.73
CA ASN A 324 -16.99 1.89 -9.96
C ASN A 324 -15.78 1.15 -10.57
N ASN A 325 -14.68 1.14 -9.81
CA ASN A 325 -13.44 0.54 -10.26
C ASN A 325 -13.23 -0.88 -9.73
N ASP A 326 -14.24 -1.51 -9.13
CA ASP A 326 -14.01 -2.77 -8.42
C ASP A 326 -13.53 -3.87 -9.35
N ALA A 327 -14.04 -3.98 -10.57
CA ALA A 327 -13.56 -5.03 -11.46
C ALA A 327 -12.07 -4.87 -11.74
N ALA A 328 -11.63 -3.66 -12.04
CA ALA A 328 -10.23 -3.39 -12.27
C ALA A 328 -9.39 -3.67 -11.02
N ILE A 329 -9.94 -3.36 -9.86
CA ILE A 329 -9.27 -3.66 -8.58
C ILE A 329 -8.99 -5.13 -8.46
N THR A 330 -10.01 -5.98 -8.71
N THR A 330 -10.03 -5.97 -8.68
CA THR A 330 -9.79 -7.41 -8.65
CA THR A 330 -9.88 -7.40 -8.56
C THR A 330 -8.78 -7.92 -9.69
C THR A 330 -8.94 -7.91 -9.68
N ALA A 331 -8.88 -7.34 -10.90
CA ALA A 331 -7.98 -7.76 -11.99
C ALA A 331 -6.54 -7.47 -11.66
N ASN A 332 -6.29 -6.55 -10.73
CA ASN A 332 -4.98 -6.16 -10.33
C ASN A 332 -4.55 -6.79 -8.97
N ALA A 333 -5.22 -7.88 -8.59
CA ALA A 333 -4.86 -8.69 -7.45
C ALA A 333 -5.14 -8.00 -6.12
N PHE A 334 -6.09 -7.07 -6.11
CA PHE A 334 -6.42 -6.31 -4.91
C PHE A 334 -7.87 -6.58 -4.48
N VAL A 335 -8.20 -6.08 -3.29
CA VAL A 335 -9.52 -6.29 -2.68
C VAL A 335 -10.30 -4.98 -2.67
N PRO A 336 -11.46 -4.96 -3.30
N PRO A 336 -11.48 -4.95 -3.27
CA PRO A 336 -12.38 -3.80 -3.18
CA PRO A 336 -12.25 -3.70 -3.22
C PRO A 336 -12.74 -3.52 -1.74
C PRO A 336 -12.83 -3.51 -1.84
N LEU A 337 -13.08 -2.26 -1.50
CA LEU A 337 -13.65 -1.92 -0.20
C LEU A 337 -15.10 -2.34 -0.13
N PRO A 338 -15.69 -2.76 1.00
N PRO A 338 -15.39 -2.81 1.10
CA PRO A 338 -17.14 -3.08 1.04
CA PRO A 338 -16.76 -3.16 1.46
C PRO A 338 -17.99 -1.86 0.91
C PRO A 338 -17.70 -1.98 1.18
N THR A 339 -19.28 -2.08 0.69
N THR A 339 -18.92 -2.33 0.81
CA THR A 339 -20.28 -1.00 0.60
CA THR A 339 -19.94 -1.37 0.40
C THR A 339 -20.17 -0.01 1.76
C THR A 339 -20.11 -0.27 1.45
N ALA A 340 -20.10 -0.50 3.03
N ALA A 340 -20.09 -0.71 2.71
CA ALA A 340 -20.16 0.40 4.19
CA ALA A 340 -20.26 0.21 3.84
C ALA A 340 -18.91 1.26 4.23
C ALA A 340 -19.04 1.11 4.01
N TRP A 341 -17.79 0.72 3.77
CA TRP A 341 -16.57 1.54 3.68
C TRP A 341 -16.72 2.62 2.62
N LYS A 342 -17.18 2.22 1.43
CA LYS A 342 -17.40 3.21 0.38
CA LYS A 342 -17.32 3.25 0.39
C LYS A 342 -18.33 4.30 0.85
N ALA A 343 -19.43 3.89 1.49
CA ALA A 343 -20.43 4.87 1.94
C ALA A 343 -19.86 5.83 2.95
N THR A 344 -18.97 5.35 3.81
CA THR A 344 -18.34 6.19 4.83
C THR A 344 -17.38 7.19 4.17
N VAL A 345 -16.59 6.76 3.19
CA VAL A 345 -15.73 7.67 2.46
C VAL A 345 -16.56 8.75 1.78
N ARG A 346 -17.66 8.34 1.09
CA ARG A 346 -18.48 9.34 0.40
C ARG A 346 -19.09 10.33 1.38
N ALA A 347 -19.57 9.83 2.53
CA ALA A 347 -20.27 10.68 3.48
C ALA A 347 -19.39 11.80 3.98
N SER A 348 -18.10 11.51 4.18
CA SER A 348 -17.17 12.55 4.62
C SER A 348 -16.64 13.45 3.50
N PHE A 349 -16.20 12.80 2.41
CA PHE A 349 -15.40 13.52 1.43
C PHE A 349 -16.15 13.96 0.18
N LEU A 350 -17.39 13.48 -0.03
N LEU A 350 -17.27 13.28 -0.08
CA LEU A 350 -18.23 13.97 -1.13
CA LEU A 350 -18.00 13.48 -1.30
C LEU A 350 -19.47 14.74 -0.68
C LEU A 350 -19.29 14.21 -1.02
N THR A 351 -20.21 14.23 0.27
N THR A 351 -20.14 13.74 -0.10
CA THR A 351 -21.50 14.85 0.63
CA THR A 351 -21.41 14.38 0.18
C THR A 351 -21.28 16.30 1.06
C THR A 351 -21.21 15.84 0.60
N ALA A 352 -21.97 17.21 0.36
N ALA A 352 -21.80 16.72 -0.22
CA ALA A 352 -21.56 18.59 0.41
CA ALA A 352 -21.53 18.16 -0.14
C ALA A 352 -21.59 19.22 1.78
C ALA A 352 -21.69 18.76 1.26
N SER A 353 -22.60 18.92 2.62
N SER A 353 -22.72 18.49 2.07
CA SER A 353 -22.67 19.58 3.94
CA SER A 353 -22.91 19.12 3.37
C SER A 353 -21.62 19.09 4.92
C SER A 353 -21.90 18.79 4.44
N ASN A 354 -20.91 18.00 4.61
N ASN A 354 -21.14 17.74 4.14
CA ASN A 354 -19.89 17.56 5.57
CA ASN A 354 -20.16 17.34 5.14
C ASN A 354 -18.77 18.56 5.62
C ASN A 354 -19.00 18.35 5.19
N ALA A 355 -18.27 18.87 6.80
N ALA A 355 -18.53 18.71 6.39
CA ALA A 355 -17.12 19.76 6.95
CA ALA A 355 -17.46 19.65 6.57
C ALA A 355 -15.89 19.25 6.21
C ALA A 355 -16.13 19.24 5.95
N LEU A 356 -15.84 17.94 5.89
CA LEU A 356 -14.65 17.37 5.25
C LEU A 356 -14.76 17.29 3.74
N SER A 357 -15.89 17.69 3.13
CA SER A 357 -16.13 17.37 1.77
C SER A 357 -15.26 18.16 0.79
N ILE A 358 -14.83 17.49 -0.25
CA ILE A 358 -13.98 18.09 -1.28
C ILE A 358 -14.74 19.24 -1.94
N GLY A 359 -14.11 20.40 -2.01
CA GLY A 359 -14.73 21.53 -2.64
C GLY A 359 -15.83 22.19 -1.86
N ASN A 360 -16.01 21.86 -0.59
CA ASN A 360 -17.05 22.46 0.26
C ASN A 360 -17.01 23.96 0.09
N THR A 361 -18.15 24.56 -0.29
CA THR A 361 -18.13 25.96 -0.68
C THR A 361 -17.93 26.90 0.48
N ASN A 362 -18.11 26.44 1.69
CA ASN A 362 -17.82 27.18 2.92
C ASN A 362 -16.39 26.92 3.36
N VAL A 363 -16.06 25.68 3.64
CA VAL A 363 -14.73 25.36 4.18
C VAL A 363 -13.64 25.73 3.18
N CYS A 364 -13.86 25.47 1.90
CA CYS A 364 -12.90 25.74 0.88
C CYS A 364 -13.01 27.13 0.28
N ASN A 365 -13.84 28.02 0.87
N ASN A 365 -13.98 27.94 0.73
CA ASN A 365 -13.99 29.37 0.38
CA ASN A 365 -14.18 29.23 0.09
C ASN A 365 -12.69 30.12 0.28
C ASN A 365 -12.92 30.06 0.15
N GLY A 366 -12.31 30.44 -0.95
CA GLY A 366 -11.11 31.17 -1.17
C GLY A 366 -9.80 30.43 -0.99
N ILE A 367 -9.83 29.14 -0.75
N ILE A 367 -9.86 29.11 -0.78
CA ILE A 367 -8.57 28.46 -0.45
CA ILE A 367 -8.79 28.25 -0.30
C ILE A 367 -8.43 27.25 -1.38
C ILE A 367 -8.52 27.09 -1.27
N GLY A 368 -7.25 26.63 -1.30
CA GLY A 368 -6.96 25.40 -2.03
C GLY A 368 -5.60 25.44 -2.67
N ARG A 369 -5.16 24.24 -3.06
CA ARG A 369 -3.86 24.15 -3.73
CA ARG A 369 -3.96 23.98 -3.83
C ARG A 369 -3.89 24.95 -5.03
N PRO A 370 -2.73 25.46 -5.41
CA PRO A 370 -2.70 26.56 -6.41
C PRO A 370 -2.89 26.09 -7.84
N LEU A 371 -3.31 27.02 -8.64
N LEU A 371 -3.42 26.93 -8.70
CA LEU A 371 -3.50 26.75 -10.06
CA LEU A 371 -3.53 26.59 -10.14
C LEU A 371 -2.17 26.70 -10.82
C LEU A 371 -2.13 26.66 -10.81
N LEU A 372 -1.46 27.80 -10.77
CA LEU A 372 -0.16 27.90 -11.41
C LEU A 372 0.91 27.27 -10.53
N GLU A 373 2.06 26.90 -11.11
N GLU A 373 2.02 26.97 -11.17
CA GLU A 373 3.23 26.45 -10.35
CA GLU A 373 3.21 26.45 -10.45
C GLU A 373 4.13 27.66 -10.11
C GLU A 373 4.17 27.60 -10.12
N ALA A 374 4.67 27.70 -8.89
CA ALA A 374 5.58 28.78 -8.49
C ALA A 374 6.79 28.25 -7.82
N ALA A 375 7.95 28.82 -8.18
CA ALA A 375 9.26 28.27 -7.79
C ALA A 375 9.83 28.90 -6.53
P PI B . 5.74 1.29 -2.93
O1 PI B . 6.38 1.57 -4.27
O2 PI B . 5.85 2.50 -1.99
O3 PI B . 6.38 0.04 -2.26
O4 PI B . 4.23 0.99 -3.20
HO4 PI B . 3.70 1.04 -2.27
C1 EDO C . 0.23 9.88 11.88
O1 EDO C . 0.63 8.29 11.58
C2 EDO C . 0.28 10.16 12.98
O2 EDO C . 0.85 9.88 14.00
C1 EDO D . -13.09 -8.40 -2.05
O1 EDO D . -13.85 -8.92 -1.39
C2 EDO D . -12.04 -9.47 -2.77
O2 EDO D . -12.20 -8.88 -4.21
C1 EDO E . 6.65 7.07 11.94
O1 EDO E . 7.11 7.28 11.04
C2 EDO E . 5.04 7.45 12.59
O2 EDO E . 4.08 6.34 12.38
S SO4 F . 1.46 -17.09 14.15
O1 SO4 F . 1.13 -16.95 15.47
O2 SO4 F . 1.60 -18.36 13.65
O3 SO4 F . 0.73 -16.09 13.33
O4 SO4 F . 2.92 -16.12 14.19
C1 EDO G . 18.32 2.78 12.71
O1 EDO G . 19.45 1.79 12.42
C2 EDO G . 18.18 3.92 12.10
O2 EDO G . 19.06 3.28 10.92
#